data_2FOM
#
_entry.id   2FOM
#
_cell.length_a   61.307
_cell.length_b   61.109
_cell.length_c   113.877
_cell.angle_alpha   90.00
_cell.angle_beta   90.00
_cell.angle_gamma   90.00
#
_symmetry.space_group_name_H-M   'C 2 2 21'
#
loop_
_entity.id
_entity.type
_entity.pdbx_description
1 polymer polyprotein
2 polymer polyprotein
3 non-polymer 'CHLORIDE ION'
4 non-polymer GLYCEROL
5 water water
#
loop_
_entity_poly.entity_id
_entity_poly.type
_entity_poly.pdbx_seq_one_letter_code
_entity_poly.pdbx_strand_id
1 'polypeptide(L)' GSHMLEADLELERAADVRWEEQAEISGSSPILSITISEDGSMSIKNEEEEQTLGGGGSGGGG A
2 'polypeptide(L)'
;AGVLWDVPSPPPVGKAELEDGAYRIKQKGILGYSQIGAGVYKEGTFHTMWHVTRGAVLMHKGKRIEPSWADVKKDLISYG
GGWKLEGEWKEGEEVQVLALEPGKNPRAVQTKPGLFKTNTGTIGAVSLDFSPGTSGSPIVDKKGKVVGLYGNGVVTRSGA
YVSAIANTEKSIEDNPEIEDDIFRK
;
B
#
# COMPACT_ATOMS: atom_id res chain seq x y z
N GLY A 1 -31.05 9.34 6.02
CA GLY A 1 -30.07 8.25 5.80
C GLY A 1 -29.90 7.46 7.08
N SER A 2 -28.74 6.84 7.22
CA SER A 2 -28.41 5.99 8.34
C SER A 2 -27.27 6.61 9.13
N HIS A 3 -27.30 6.50 10.46
CA HIS A 3 -26.16 6.93 11.28
C HIS A 3 -25.18 5.82 11.57
N MET A 4 -25.30 4.69 10.85
CA MET A 4 -24.38 3.57 10.98
CA MET A 4 -24.41 3.55 10.97
C MET A 4 -23.43 3.61 9.79
N LEU A 5 -22.20 3.10 9.93
CA LEU A 5 -21.32 3.14 8.77
C LEU A 5 -21.80 2.15 7.71
N GLU A 6 -21.61 2.52 6.45
CA GLU A 6 -22.03 1.71 5.31
C GLU A 6 -21.24 0.39 5.29
N ALA A 7 -19.96 0.49 5.63
CA ALA A 7 -19.06 -0.63 5.45
C ALA A 7 -18.07 -0.64 6.63
N ASP A 8 -17.71 -1.84 7.09
CA ASP A 8 -16.81 -1.95 8.20
C ASP A 8 -15.44 -2.23 7.61
N LEU A 9 -14.67 -1.17 7.45
CA LEU A 9 -13.29 -1.28 6.94
C LEU A 9 -12.34 -1.13 8.10
N GLU A 10 -11.54 -2.16 8.35
CA GLU A 10 -10.67 -2.22 9.51
C GLU A 10 -9.22 -2.29 9.10
N LEU A 11 -8.40 -1.59 9.86
CA LEU A 11 -6.95 -1.62 9.68
C LEU A 11 -6.30 -2.66 10.57
N GLU A 12 -5.26 -3.31 10.02
CA GLU A 12 -4.50 -4.28 10.81
C GLU A 12 -3.02 -4.04 10.51
N ARG A 13 -2.21 -3.75 11.52
CA ARG A 13 -0.80 -3.45 11.28
C ARG A 13 -0.09 -4.73 10.88
N ALA A 14 0.80 -4.67 9.88
CA ALA A 14 1.45 -5.88 9.36
C ALA A 14 2.95 -5.82 9.28
N ALA A 15 3.53 -4.64 9.17
CA ALA A 15 4.98 -4.61 8.98
C ALA A 15 5.50 -3.23 9.31
N ASP A 16 6.77 -3.17 9.71
CA ASP A 16 7.50 -1.90 9.80
C ASP A 16 7.82 -1.47 8.38
N VAL A 17 7.78 -0.16 8.14
CA VAL A 17 8.21 0.37 6.88
C VAL A 17 9.74 0.58 6.94
N ARG A 18 10.47 -0.24 6.20
CA ARG A 18 11.93 -0.16 6.14
CA ARG A 18 11.92 -0.11 6.10
C ARG A 18 12.43 -0.91 4.92
N TRP A 19 13.67 -0.63 4.55
CA TRP A 19 14.34 -1.35 3.50
C TRP A 19 14.81 -2.67 4.13
N GLU A 20 14.60 -3.76 3.43
CA GLU A 20 14.95 -5.08 3.95
C GLU A 20 16.25 -5.56 3.33
N GLU A 21 17.30 -5.66 4.14
CA GLU A 21 18.60 -6.07 3.63
C GLU A 21 18.59 -7.42 2.94
N GLN A 22 17.82 -8.37 3.46
CA GLN A 22 17.82 -9.70 2.82
C GLN A 22 17.27 -9.62 1.40
N ALA A 23 16.34 -8.72 1.17
CA ALA A 23 15.76 -8.62 -0.16
C ALA A 23 16.73 -7.97 -1.14
N GLU A 24 17.57 -7.07 -0.66
CA GLU A 24 18.62 -6.51 -1.48
C GLU A 24 19.61 -7.61 -1.84
N ILE A 25 19.86 -8.57 -0.95
CA ILE A 25 20.82 -9.63 -1.26
C ILE A 25 20.25 -10.63 -2.27
N SER A 26 19.06 -11.15 -1.99
CA SER A 26 18.48 -12.24 -2.74
CA SER A 26 18.47 -12.25 -2.74
C SER A 26 17.46 -11.81 -3.82
N GLY A 27 16.99 -10.60 -3.74
CA GLY A 27 15.92 -10.06 -4.61
C GLY A 27 14.54 -10.11 -4.01
N SER A 28 14.34 -10.98 -3.05
CA SER A 28 13.03 -11.17 -2.42
C SER A 28 13.27 -11.72 -1.03
N SER A 29 12.51 -11.31 -0.02
CA SER A 29 12.64 -11.94 1.28
CA SER A 29 12.64 -11.95 1.27
C SER A 29 11.35 -11.81 2.08
N PRO A 30 11.00 -12.83 2.85
CA PRO A 30 9.83 -12.73 3.69
CA PRO A 30 9.84 -12.78 3.72
C PRO A 30 10.18 -11.78 4.81
N ILE A 31 9.22 -11.02 5.26
CA ILE A 31 9.47 -10.10 6.33
C ILE A 31 8.98 -10.84 7.54
N LEU A 32 9.91 -11.13 8.44
CA LEU A 32 9.60 -11.87 9.62
C LEU A 32 8.47 -11.10 10.28
N SER A 33 7.41 -11.80 10.65
CA SER A 33 6.28 -11.15 11.28
CA SER A 33 6.22 -11.20 11.22
C SER A 33 5.86 -11.90 12.53
N ILE A 34 5.16 -11.20 13.40
CA ILE A 34 4.83 -11.65 14.75
C ILE A 34 3.31 -11.61 14.93
N SER A 43 4.57 -13.87 19.20
CA SER A 43 5.04 -15.09 18.56
C SER A 43 5.21 -14.90 17.03
N ILE A 44 6.07 -15.71 16.41
CA ILE A 44 6.30 -15.63 14.95
C ILE A 44 5.10 -16.18 14.20
N LYS A 45 4.67 -15.40 13.20
CA LYS A 45 3.44 -15.69 12.49
C LYS A 45 3.81 -16.47 11.24
N ASN A 46 3.31 -17.69 11.13
CA ASN A 46 3.71 -18.56 10.04
C ASN A 46 2.78 -18.47 8.85
N GLU A 47 1.59 -17.91 9.05
CA GLU A 47 0.60 -17.87 7.97
C GLU A 47 -0.41 -16.77 8.21
N GLU A 48 -0.73 -16.03 7.15
CA GLU A 48 -1.77 -15.00 7.19
C GLU A 48 -3.14 -15.64 6.93
N GLU A 49 -4.09 -15.39 7.83
CA GLU A 49 -5.48 -15.80 7.59
C GLU A 49 -6.28 -14.54 7.28
N GLU A 50 -6.64 -14.38 6.01
CA GLU A 50 -7.33 -13.21 5.57
C GLU A 50 -8.64 -12.92 6.33
N GLN A 51 -9.36 -13.98 6.64
CA GLN A 51 -10.73 -13.81 7.18
C GLN A 51 -10.76 -13.27 8.61
N THR A 52 -9.64 -13.33 9.32
CA THR A 52 -9.61 -12.85 10.73
C THR A 52 -8.83 -11.57 10.78
N LEU A 53 -9.29 -10.63 11.61
CA LEU A 53 -8.66 -9.36 11.78
C LEU A 53 -7.59 -9.64 12.83
N GLY A 54 -6.35 -9.59 12.43
CA GLY A 54 -5.25 -10.05 13.30
C GLY A 54 -5.31 -11.54 13.65
N LEU B 18 -2.68 4.86 16.47
N LEU B 18 -2.81 3.84 17.06
CA LEU B 18 -2.09 4.01 15.39
CA LEU B 18 -2.03 4.03 15.80
C LEU B 18 -0.58 4.24 15.36
C LEU B 18 -0.53 3.95 16.06
N GLU B 19 0.17 3.17 15.25
CA GLU B 19 1.57 3.33 15.17
C GLU B 19 2.01 3.32 13.72
N ASP B 20 3.15 3.95 13.53
CA ASP B 20 3.74 4.00 12.22
C ASP B 20 3.88 2.60 11.71
N GLY B 21 3.62 2.42 10.43
CA GLY B 21 3.80 1.10 9.81
C GLY B 21 3.00 0.87 8.57
N ALA B 22 3.13 -0.34 7.98
CA ALA B 22 2.31 -0.78 6.88
C ALA B 22 1.17 -1.67 7.40
N TYR B 23 -0.03 -1.40 6.89
CA TYR B 23 -1.29 -2.02 7.36
C TYR B 23 -2.03 -2.68 6.24
N ARG B 24 -2.78 -3.75 6.58
CA ARG B 24 -3.81 -4.29 5.65
C ARG B 24 -5.11 -3.53 5.93
N ILE B 25 -5.93 -3.40 4.90
CA ILE B 25 -7.29 -2.87 4.99
C ILE B 25 -8.21 -4.01 4.70
N LYS B 26 -9.04 -4.36 5.68
CA LYS B 26 -9.95 -5.54 5.57
C LYS B 26 -11.38 -5.06 5.72
N GLN B 27 -12.24 -5.56 4.84
CA GLN B 27 -13.69 -5.25 4.83
C GLN B 27 -14.49 -6.41 5.39
N LYS B 28 -15.34 -6.18 6.39
CA LYS B 28 -16.10 -7.27 6.99
C LYS B 28 -17.29 -7.65 6.14
N GLY B 29 -17.54 -8.94 6.03
CA GLY B 29 -18.82 -9.42 5.49
C GLY B 29 -19.23 -10.66 6.27
N ILE B 30 -20.31 -11.32 5.87
CA ILE B 30 -20.82 -12.41 6.68
C ILE B 30 -19.85 -13.61 6.69
N LEU B 31 -18.98 -13.72 5.69
CA LEU B 31 -18.05 -14.85 5.65
C LEU B 31 -16.74 -14.55 6.39
N GLY B 32 -16.66 -13.34 6.96
CA GLY B 32 -15.41 -12.86 7.56
C GLY B 32 -14.80 -11.72 6.81
N TYR B 33 -13.54 -11.41 7.06
CA TYR B 33 -12.89 -10.28 6.44
C TYR B 33 -12.33 -10.62 5.06
N SER B 34 -12.40 -9.66 4.15
CA SER B 34 -11.66 -9.70 2.88
C SER B 34 -10.63 -8.57 2.87
N GLN B 35 -9.39 -8.87 2.49
CA GLN B 35 -8.41 -7.78 2.34
C GLN B 35 -8.62 -7.06 1.00
N ILE B 36 -9.00 -5.79 1.08
CA ILE B 36 -9.26 -4.96 -0.13
C ILE B 36 -8.04 -4.10 -0.49
N GLY B 37 -7.12 -3.93 0.44
CA GLY B 37 -5.92 -3.18 0.10
C GLY B 37 -5.05 -3.05 1.32
N ALA B 38 -4.22 -1.99 1.31
CA ALA B 38 -3.17 -1.78 2.30
C ALA B 38 -2.87 -0.29 2.40
N GLY B 39 -2.08 0.13 3.36
CA GLY B 39 -1.66 1.53 3.38
C GLY B 39 -0.57 1.73 4.39
N VAL B 40 -0.19 2.99 4.54
CA VAL B 40 0.93 3.37 5.39
C VAL B 40 0.53 4.42 6.42
N TYR B 41 0.83 4.18 7.68
CA TYR B 41 0.66 5.21 8.70
CA TYR B 41 0.63 5.20 8.71
C TYR B 41 2.01 5.86 8.95
N LYS B 42 2.04 7.20 8.87
CA LYS B 42 3.24 7.97 9.11
C LYS B 42 2.86 9.34 9.63
N GLU B 43 3.50 9.75 10.71
CA GLU B 43 3.34 11.08 11.26
C GLU B 43 1.87 11.45 11.42
N GLY B 44 1.11 10.50 11.95
CA GLY B 44 -0.28 10.76 12.31
C GLY B 44 -1.27 10.57 11.16
N THR B 45 -0.80 10.23 9.97
CA THR B 45 -1.65 10.20 8.78
C THR B 45 -1.59 8.81 8.17
N PHE B 46 -2.76 8.31 7.73
CA PHE B 46 -2.85 7.03 7.05
C PHE B 46 -3.00 7.30 5.55
N HIS B 47 -2.22 6.60 4.75
CA HIS B 47 -2.14 6.85 3.32
C HIS B 47 -2.52 5.58 2.59
N THR B 48 -3.44 5.70 1.62
CA THR B 48 -3.82 4.53 0.82
C THR B 48 -4.28 4.99 -0.57
N MET B 49 -4.89 4.07 -1.31
CA MET B 49 -5.36 4.41 -2.66
C MET B 49 -6.82 4.81 -2.68
N TRP B 50 -7.11 5.81 -3.49
CA TRP B 50 -8.49 6.23 -3.64
C TRP B 50 -9.40 5.05 -4.06
N HIS B 51 -8.96 4.23 -5.00
CA HIS B 51 -9.80 3.15 -5.53
C HIS B 51 -10.12 2.10 -4.49
N VAL B 52 -9.26 2.00 -3.47
CA VAL B 52 -9.49 1.02 -2.41
C VAL B 52 -10.64 1.42 -1.49
N THR B 53 -10.66 2.65 -1.01
CA THR B 53 -11.65 3.01 0.03
C THR B 53 -12.72 3.92 -0.50
N ARG B 54 -12.44 4.61 -1.62
CA ARG B 54 -13.38 5.57 -2.19
CA ARG B 54 -13.41 5.55 -2.18
CA ARG B 54 -13.35 5.62 -2.19
C ARG B 54 -13.83 6.62 -1.16
N GLY B 55 -12.96 6.91 -0.19
CA GLY B 55 -13.28 7.94 0.79
C GLY B 55 -13.99 7.44 2.04
N ALA B 56 -14.26 6.14 2.10
CA ALA B 56 -14.96 5.54 3.24
C ALA B 56 -14.19 5.74 4.55
N VAL B 57 -14.91 5.92 5.64
CA VAL B 57 -14.28 5.94 6.94
C VAL B 57 -13.61 4.63 7.33
N LEU B 58 -12.46 4.74 7.99
CA LEU B 58 -11.66 3.55 8.38
C LEU B 58 -11.71 3.43 9.89
N MET B 59 -11.55 2.20 10.40
CA MET B 59 -11.51 1.94 11.83
C MET B 59 -10.22 1.20 12.18
N HIS B 60 -9.62 1.57 13.31
CA HIS B 60 -8.47 0.77 13.80
C HIS B 60 -8.66 0.59 15.29
N LYS B 61 -8.92 -0.63 15.71
CA LYS B 61 -9.04 -0.94 17.14
C LYS B 61 -10.03 -0.02 17.88
N GLY B 62 -11.16 0.20 17.24
CA GLY B 62 -12.24 1.00 17.80
C GLY B 62 -12.14 2.51 17.60
N LYS B 63 -11.05 2.97 17.00
CA LYS B 63 -10.84 4.38 16.67
C LYS B 63 -11.10 4.65 15.18
N ARG B 64 -11.98 5.63 14.96
CA ARG B 64 -12.36 6.04 13.62
C ARG B 64 -11.27 6.99 13.01
N ILE B 65 -10.97 6.83 11.72
CA ILE B 65 -10.19 7.89 11.01
C ILE B 65 -10.91 8.29 9.73
N GLU B 66 -10.93 9.59 9.50
CA GLU B 66 -11.70 10.21 8.43
C GLU B 66 -10.78 10.71 7.32
N PRO B 67 -11.26 10.69 6.07
CA PRO B 67 -10.50 11.19 4.95
C PRO B 67 -10.20 12.70 5.11
N SER B 68 -8.96 13.09 4.80
CA SER B 68 -8.53 14.46 4.91
C SER B 68 -8.15 15.12 3.58
N TRP B 69 -7.63 14.30 2.66
CA TRP B 69 -7.21 14.82 1.37
C TRP B 69 -7.26 13.71 0.33
N ALA B 70 -7.62 14.02 -0.90
CA ALA B 70 -7.50 13.05 -1.98
C ALA B 70 -7.08 13.64 -3.30
N ASP B 71 -6.44 12.81 -4.14
CA ASP B 71 -6.15 13.20 -5.53
C ASP B 71 -6.59 12.01 -6.38
N VAL B 72 -7.80 12.10 -6.93
CA VAL B 72 -8.35 10.96 -7.66
C VAL B 72 -7.52 10.62 -8.87
N LYS B 73 -7.03 11.65 -9.58
CA LYS B 73 -6.16 11.40 -10.73
C LYS B 73 -4.88 10.63 -10.38
N LYS B 74 -4.29 10.82 -9.20
CA LYS B 74 -3.12 10.04 -8.81
C LYS B 74 -3.48 8.76 -8.05
N ASP B 75 -4.78 8.58 -7.82
CA ASP B 75 -5.32 7.43 -7.06
C ASP B 75 -4.87 7.41 -5.60
N LEU B 76 -4.84 8.60 -4.96
CA LEU B 76 -4.27 8.70 -3.61
C LEU B 76 -5.30 9.31 -2.65
N ILE B 77 -5.26 8.84 -1.42
CA ILE B 77 -6.09 9.47 -0.38
C ILE B 77 -5.39 9.40 0.96
N SER B 78 -5.49 10.45 1.77
CA SER B 78 -4.94 10.41 3.12
C SER B 78 -6.02 10.70 4.14
N TYR B 79 -5.83 10.11 5.30
CA TYR B 79 -6.75 10.18 6.46
C TYR B 79 -6.03 10.75 7.67
N GLY B 80 -6.66 11.73 8.31
N GLY B 80 -6.62 11.80 8.25
CA GLY B 80 -6.02 12.36 9.45
CA GLY B 80 -6.10 12.43 9.46
C GLY B 80 -4.74 13.10 9.09
C GLY B 80 -5.10 13.58 9.29
N GLY B 81 -4.78 13.92 8.05
CA GLY B 81 -3.68 14.86 7.77
C GLY B 81 -3.38 14.85 6.30
N GLY B 82 -2.54 15.78 5.88
CA GLY B 82 -2.11 15.83 4.48
C GLY B 82 -1.04 14.78 4.19
N TRP B 83 -0.65 14.68 2.92
CA TRP B 83 0.34 13.70 2.49
C TRP B 83 1.69 13.84 3.22
N LYS B 84 2.14 12.76 3.83
CA LYS B 84 3.42 12.74 4.58
C LYS B 84 4.57 11.96 3.93
N LEU B 85 4.27 11.15 2.93
CA LEU B 85 5.28 10.30 2.32
C LEU B 85 6.28 11.16 1.57
N GLU B 86 7.56 10.87 1.77
CA GLU B 86 8.56 11.81 1.31
C GLU B 86 9.60 11.28 0.32
N GLY B 87 9.54 9.98 0.04
CA GLY B 87 10.50 9.38 -0.88
C GLY B 87 10.33 9.96 -2.28
N GLU B 88 11.43 10.13 -3.00
CA GLU B 88 11.38 10.53 -4.40
C GLU B 88 12.30 9.58 -5.15
N TRP B 89 11.75 8.84 -6.09
CA TRP B 89 12.57 7.87 -6.82
C TRP B 89 13.29 8.62 -7.94
N LYS B 90 14.49 8.20 -8.28
CA LYS B 90 15.27 8.77 -9.39
C LYS B 90 15.70 7.63 -10.30
N GLU B 91 15.73 7.90 -11.60
CA GLU B 91 16.00 6.88 -12.60
C GLU B 91 17.24 6.08 -12.24
N GLY B 92 17.16 4.75 -12.34
CA GLY B 92 18.37 3.94 -12.20
C GLY B 92 18.35 3.29 -10.83
N GLU B 93 17.63 3.89 -9.90
CA GLU B 93 17.65 3.39 -8.52
C GLU B 93 16.68 2.26 -8.32
N GLU B 94 17.09 1.28 -7.54
CA GLU B 94 16.18 0.20 -7.21
C GLU B 94 15.40 0.52 -5.94
N VAL B 95 14.21 -0.06 -5.87
CA VAL B 95 13.35 0.12 -4.73
C VAL B 95 12.89 -1.23 -4.24
N GLN B 96 12.16 -1.26 -3.14
CA GLN B 96 11.51 -2.48 -2.71
C GLN B 96 10.01 -2.30 -2.57
N VAL B 97 9.24 -3.24 -3.12
CA VAL B 97 7.81 -3.24 -2.83
C VAL B 97 7.70 -4.08 -1.57
N LEU B 98 7.19 -3.47 -0.52
CA LEU B 98 6.89 -4.20 0.73
CA LEU B 98 6.90 -4.17 0.73
C LEU B 98 5.45 -4.64 0.61
N ALA B 99 5.28 -5.77 -0.08
CA ALA B 99 3.96 -6.24 -0.48
C ALA B 99 3.21 -6.89 0.67
N LEU B 100 2.02 -6.39 0.88
CA LEU B 100 1.04 -7.10 1.77
C LEU B 100 -0.09 -7.65 0.89
N GLU B 101 0.08 -8.90 0.44
CA GLU B 101 -0.88 -9.52 -0.45
C GLU B 101 -1.95 -10.24 0.37
N PRO B 102 -3.18 -10.28 -0.14
CA PRO B 102 -4.18 -11.16 0.49
C PRO B 102 -3.66 -12.57 0.70
N GLY B 103 -3.85 -13.06 1.92
CA GLY B 103 -3.44 -14.43 2.21
C GLY B 103 -1.94 -14.71 2.39
N LYS B 104 -1.10 -13.67 2.36
CA LYS B 104 0.36 -13.85 2.48
C LYS B 104 0.96 -12.94 3.55
N ASN B 105 1.94 -13.48 4.28
CA ASN B 105 2.76 -12.61 5.13
C ASN B 105 3.46 -11.57 4.25
N PRO B 106 3.88 -10.46 4.85
CA PRO B 106 4.61 -9.41 4.14
C PRO B 106 5.88 -9.96 3.50
N ARG B 107 6.18 -9.44 2.31
CA ARG B 107 7.39 -9.85 1.60
C ARG B 107 7.96 -8.60 0.93
N ALA B 108 9.28 -8.41 1.03
CA ALA B 108 10.01 -7.32 0.34
C ALA B 108 10.49 -7.88 -1.00
N VAL B 109 10.19 -7.21 -2.12
CA VAL B 109 10.66 -7.64 -3.42
C VAL B 109 11.39 -6.49 -4.06
N GLN B 110 12.67 -6.67 -4.33
CA GLN B 110 13.45 -5.58 -4.91
C GLN B 110 13.18 -5.49 -6.41
N THR B 111 13.05 -4.28 -6.92
CA THR B 111 12.84 -4.11 -8.36
C THR B 111 13.35 -2.78 -8.83
N LYS B 112 13.68 -2.67 -10.12
CA LYS B 112 14.10 -1.39 -10.71
C LYS B 112 12.92 -0.85 -11.53
N PRO B 113 12.31 0.25 -11.06
CA PRO B 113 11.24 0.88 -11.83
C PRO B 113 11.73 1.35 -13.19
N GLY B 114 10.80 1.52 -14.11
CA GLY B 114 11.12 2.00 -15.44
C GLY B 114 10.44 3.32 -15.71
N LEU B 115 10.94 4.03 -16.73
CA LEU B 115 10.28 5.22 -17.22
C LEU B 115 9.33 4.82 -18.36
N PHE B 116 8.09 5.28 -18.28
CA PHE B 116 7.15 5.03 -19.38
C PHE B 116 6.47 6.29 -19.86
N LYS B 117 6.27 6.35 -21.18
CA LYS B 117 5.48 7.43 -21.83
C LYS B 117 3.99 7.16 -21.67
N THR B 118 3.22 8.22 -21.47
CA THR B 118 1.77 8.18 -21.38
C THR B 118 1.28 9.42 -22.12
N ASN B 119 -0.02 9.58 -22.30
CA ASN B 119 -0.58 10.79 -22.91
C ASN B 119 -0.33 12.05 -22.08
N THR B 120 -0.38 11.91 -20.75
CA THR B 120 -0.17 13.02 -19.84
C THR B 120 1.28 13.48 -19.74
N GLY B 121 2.23 12.53 -19.71
CA GLY B 121 3.66 12.87 -19.81
C GLY B 121 4.68 11.73 -19.95
N THR B 122 5.35 11.45 -18.85
CA THR B 122 6.29 10.32 -18.68
C THR B 122 6.29 10.05 -17.19
N ILE B 123 6.24 8.76 -16.81
CA ILE B 123 6.13 8.37 -15.42
C ILE B 123 7.19 7.31 -15.08
N GLY B 124 7.49 7.22 -13.81
CA GLY B 124 8.24 6.09 -13.27
C GLY B 124 7.22 5.07 -12.78
N ALA B 125 7.48 3.78 -12.99
CA ALA B 125 6.48 2.76 -12.66
C ALA B 125 7.13 1.40 -12.43
N VAL B 126 6.48 0.58 -11.61
CA VAL B 126 6.88 -0.81 -11.43
C VAL B 126 5.82 -1.71 -12.09
N SER B 127 6.19 -2.96 -12.35
CA SER B 127 5.30 -3.93 -12.92
C SER B 127 4.22 -4.37 -11.90
N LEU B 128 3.04 -4.68 -12.43
CA LEU B 128 1.92 -5.10 -11.63
C LEU B 128 2.03 -6.57 -11.33
N ASP B 129 2.86 -6.88 -10.35
CA ASP B 129 3.34 -8.26 -10.11
C ASP B 129 2.82 -8.83 -8.80
N PHE B 130 1.78 -8.21 -8.26
CA PHE B 130 1.16 -8.65 -7.00
C PHE B 130 -0.34 -8.66 -7.13
N SER B 131 -1.01 -9.26 -6.13
CA SER B 131 -2.47 -9.24 -6.12
C SER B 131 -3.00 -7.81 -6.17
N PRO B 132 -4.09 -7.56 -6.90
CA PRO B 132 -4.73 -6.21 -6.79
C PRO B 132 -5.05 -5.82 -5.36
N GLY B 133 -5.25 -6.79 -4.44
CA GLY B 133 -5.50 -6.52 -3.02
C GLY B 133 -4.28 -6.01 -2.27
N THR B 134 -3.10 -5.97 -2.93
CA THR B 134 -1.88 -5.37 -2.42
C THR B 134 -1.86 -3.84 -2.51
N SER B 135 -2.80 -3.29 -3.28
CA SER B 135 -2.93 -1.85 -3.56
C SER B 135 -2.83 -1.07 -2.26
N GLY B 136 -1.91 -0.10 -2.25
CA GLY B 136 -1.66 0.67 -1.02
C GLY B 136 -0.37 0.28 -0.31
N SER B 137 0.23 -0.86 -0.65
CA SER B 137 1.46 -1.26 -0.01
C SER B 137 2.59 -0.31 -0.38
N PRO B 138 3.51 -0.07 0.57
CA PRO B 138 4.57 0.91 0.25
C PRO B 138 5.67 0.37 -0.62
N ILE B 139 6.15 1.29 -1.45
CA ILE B 139 7.33 1.06 -2.28
C ILE B 139 8.40 1.97 -1.71
N VAL B 140 9.48 1.37 -1.20
CA VAL B 140 10.46 2.13 -0.41
C VAL B 140 11.83 2.22 -1.08
N ASP B 141 12.51 3.33 -0.81
CA ASP B 141 13.88 3.48 -1.29
C ASP B 141 14.90 3.02 -0.24
N LYS B 142 16.19 3.16 -0.54
CA LYS B 142 17.20 2.61 0.34
C LYS B 142 17.29 3.30 1.68
N LYS B 143 16.66 4.48 1.77
CA LYS B 143 16.68 5.27 2.99
C LYS B 143 15.47 4.87 3.84
N GLY B 144 14.68 3.93 3.36
CA GLY B 144 13.46 3.55 4.07
C GLY B 144 12.30 4.53 3.90
N LYS B 145 12.41 5.45 2.96
CA LYS B 145 11.33 6.42 2.67
C LYS B 145 10.42 5.84 1.61
N VAL B 146 9.16 6.20 1.65
CA VAL B 146 8.15 5.67 0.74
C VAL B 146 8.06 6.53 -0.51
N VAL B 147 8.44 5.96 -1.65
CA VAL B 147 8.49 6.71 -2.91
C VAL B 147 7.14 6.68 -3.62
N GLY B 148 6.31 5.71 -3.24
CA GLY B 148 4.95 5.63 -3.76
C GLY B 148 4.24 4.45 -3.17
N LEU B 149 2.99 4.25 -3.58
CA LEU B 149 2.21 3.13 -3.13
C LEU B 149 1.81 2.23 -4.32
N TYR B 150 1.83 0.92 -4.10
CA TYR B 150 1.50 -0.04 -5.16
C TYR B 150 0.05 0.10 -5.61
N GLY B 151 -0.19 -0.06 -6.90
CA GLY B 151 -1.58 -0.27 -7.30
C GLY B 151 -2.23 0.94 -7.95
N ASN B 152 -1.47 1.95 -8.36
CA ASN B 152 -2.01 3.00 -9.18
C ASN B 152 -1.85 2.63 -10.64
N GLY B 153 -2.81 1.91 -11.18
CA GLY B 153 -2.75 1.37 -12.53
C GLY B 153 -2.94 2.41 -13.57
N VAL B 154 -1.93 2.56 -14.39
CA VAL B 154 -2.00 3.53 -15.46
CA VAL B 154 -1.96 3.54 -15.45
C VAL B 154 -1.66 2.90 -16.80
N VAL B 155 -2.24 3.43 -17.87
CA VAL B 155 -2.00 2.86 -19.18
CA VAL B 155 -2.01 2.87 -19.18
C VAL B 155 -0.87 3.59 -19.90
N THR B 156 0.06 2.82 -20.42
CA THR B 156 1.15 3.46 -21.15
C THR B 156 0.80 3.63 -22.62
N ARG B 157 1.66 4.34 -23.35
CA ARG B 157 1.42 4.58 -24.76
C ARG B 157 1.44 3.25 -25.55
N SER B 158 2.22 2.29 -25.07
CA SER B 158 2.34 0.95 -25.68
C SER B 158 1.16 0.01 -25.35
N GLY B 159 0.26 0.45 -24.48
CA GLY B 159 -0.95 -0.32 -24.18
C GLY B 159 -0.68 -1.31 -23.08
N ALA B 160 0.34 -0.99 -22.29
CA ALA B 160 0.62 -1.78 -21.11
C ALA B 160 -0.01 -1.13 -19.89
N TYR B 161 -0.42 -1.91 -18.88
CA TYR B 161 -0.77 -1.37 -17.58
CA TYR B 161 -0.73 -1.30 -17.59
C TYR B 161 0.45 -1.48 -16.68
N VAL B 162 0.79 -0.39 -16.00
CA VAL B 162 1.87 -0.44 -14.99
C VAL B 162 1.45 0.25 -13.73
N SER B 163 2.26 0.10 -12.69
CA SER B 163 1.90 0.68 -11.40
C SER B 163 2.71 1.97 -11.18
N ALA B 164 2.09 3.12 -11.39
CA ALA B 164 2.84 4.36 -11.36
C ALA B 164 3.36 4.78 -9.96
N ILE B 165 4.58 5.32 -9.93
CA ILE B 165 5.16 5.82 -8.68
C ILE B 165 5.59 7.29 -8.73
N ALA B 166 5.78 7.83 -9.94
CA ALA B 166 6.43 9.15 -10.11
C ALA B 166 6.09 9.83 -11.44
N ASN B 167 5.95 11.16 -11.42
CA ASN B 167 5.75 11.93 -12.66
C ASN B 167 7.05 12.61 -13.09
#